data_1Y2X
#
_entry.id   1Y2X
#
_cell.length_a   85.675
_cell.length_b   85.675
_cell.length_c   257.073
_cell.angle_alpha   90.00
_cell.angle_beta   90.00
_cell.angle_gamma   90.00
#
_symmetry.space_group_name_H-M   'P 43 21 2'
#
loop_
_entity.id
_entity.type
_entity.pdbx_description
1 polymer lectin
2 branched beta-D-galactopyranose-(1-3)-2-acetamido-2-deoxy-beta-D-galactopyranose
3 non-polymer 2-acetamido-2-deoxy-beta-D-glucopyranose
4 non-polymer SERINE
5 water water
#
_entity_poly.entity_id   1
_entity_poly.type   'polypeptide(L)'
_entity_poly.pdbx_seq_one_letter_code
;TYTISIRVYQTTPKGFFRPVERTNWKYANGGTWDEVRGEYVLTMGGSGTSGSLRFVSSDTDESFVATFGVHNYKRWCDIV
TNLTNEQTALVINQEYYGVPIRDQARENQLTSYNVANAKGRRFAIEYTVTEGDNLKANLIIG
;
_entity_poly.pdbx_strand_id   A,B,C,D
#
loop_
_chem_comp.id
_chem_comp.type
_chem_comp.name
_chem_comp.formula
GAL D-saccharide, beta linking beta-D-galactopyranose 'C6 H12 O6'
NAG D-saccharide, beta linking 2-acetamido-2-deoxy-beta-D-glucopyranose 'C8 H15 N O6'
NGA D-saccharide, beta linking 2-acetamido-2-deoxy-beta-D-galactopyranose 'C8 H15 N O6'
#
# COMPACT_ATOMS: atom_id res chain seq x y z
N THR A 1 19.89 -10.74 -12.40
CA THR A 1 18.87 -10.04 -11.57
C THR A 1 18.92 -10.55 -10.13
N TYR A 2 19.00 -9.62 -9.18
CA TYR A 2 18.87 -9.94 -7.76
C TYR A 2 17.58 -9.36 -7.19
N THR A 3 16.94 -10.09 -6.28
CA THR A 3 15.90 -9.51 -5.42
C THR A 3 16.21 -9.71 -3.94
N ILE A 4 15.79 -8.75 -3.14
CA ILE A 4 15.88 -8.83 -1.69
C ILE A 4 14.48 -8.53 -1.14
N SER A 5 13.87 -9.52 -0.51
CA SER A 5 12.52 -9.37 0.02
C SER A 5 12.59 -9.12 1.52
N ILE A 6 12.03 -7.98 1.94
CA ILE A 6 12.16 -7.51 3.32
C ILE A 6 10.84 -7.59 4.11
N ARG A 7 10.87 -8.30 5.23
CA ARG A 7 9.77 -8.34 6.19
C ARG A 7 10.08 -7.40 7.34
N VAL A 8 9.17 -6.46 7.61
CA VAL A 8 9.36 -5.50 8.70
C VAL A 8 8.61 -5.96 9.95
N TYR A 9 9.35 -6.00 11.05
CA TYR A 9 8.81 -6.32 12.37
C TYR A 9 9.00 -5.13 13.30
N GLN A 10 7.89 -4.58 13.79
CA GLN A 10 7.93 -3.55 14.83
C GLN A 10 7.52 -4.22 16.15
N THR A 11 8.47 -4.35 17.07
CA THR A 11 8.34 -5.23 18.23
C THR A 11 7.71 -4.64 19.50
N THR A 12 7.69 -3.33 19.63
CA THR A 12 7.17 -2.71 20.84
C THR A 12 6.23 -1.52 20.55
N PRO A 13 5.08 -1.48 21.22
CA PRO A 13 4.09 -0.41 21.02
C PRO A 13 4.48 0.95 21.62
N LYS A 14 5.77 1.24 21.70
CA LYS A 14 6.24 2.56 22.12
C LYS A 14 6.72 3.29 20.87
N GLY A 15 5.97 4.31 20.45
CA GLY A 15 6.20 4.96 19.18
C GLY A 15 5.66 4.19 17.98
N PHE A 16 5.71 4.81 16.81
CA PHE A 16 5.27 4.14 15.58
C PHE A 16 6.10 4.57 14.36
N PHE A 17 6.83 3.62 13.81
CA PHE A 17 7.66 3.88 12.64
C PHE A 17 6.85 3.61 11.39
N ARG A 18 6.81 4.59 10.51
CA ARG A 18 6.08 4.49 9.26
C ARG A 18 7.06 4.64 8.10
N PRO A 19 6.78 4.00 6.98
CA PRO A 19 7.63 4.14 5.78
C PRO A 19 7.45 5.53 5.16
N VAL A 20 8.55 6.21 4.84
CA VAL A 20 8.47 7.56 4.29
C VAL A 20 9.24 7.77 2.99
N GLU A 21 10.11 6.83 2.63
CA GLU A 21 11.03 6.98 1.51
C GLU A 21 11.64 5.65 1.07
N ARG A 22 11.82 5.50 -0.25
CA ARG A 22 12.52 4.33 -0.81
C ARG A 22 13.30 4.71 -2.07
N THR A 23 14.60 4.48 -2.04
CA THR A 23 15.49 4.97 -3.09
C THR A 23 16.20 3.83 -3.79
N ASN A 24 16.68 4.10 -5.01
CA ASN A 24 17.49 3.14 -5.75
C ASN A 24 18.79 3.79 -6.23
N TRP A 25 19.92 3.20 -5.86
CA TRP A 25 21.20 3.67 -6.36
C TRP A 25 21.36 3.29 -7.84
N LYS A 26 22.19 4.05 -8.57
CA LYS A 26 22.22 4.00 -10.03
C LYS A 26 23.10 2.91 -10.68
N TYR A 27 23.92 2.24 -9.89
CA TYR A 27 24.86 1.25 -10.45
C TYR A 27 24.11 0.01 -10.93
N ALA A 28 24.83 -0.86 -11.67
CA ALA A 28 24.31 -2.13 -12.20
C ALA A 28 22.88 -2.05 -12.75
N ASN A 29 22.65 -1.05 -13.61
CA ASN A 29 21.36 -0.83 -14.28
C ASN A 29 20.18 -0.47 -13.36
N GLY A 30 20.50 0.09 -12.20
CA GLY A 30 19.52 0.55 -11.25
C GLY A 30 18.77 -0.59 -10.59
N GLY A 31 17.51 -0.32 -10.26
CA GLY A 31 16.66 -1.27 -9.58
C GLY A 31 15.36 -0.61 -9.19
N THR A 32 14.48 -1.36 -8.55
CA THR A 32 13.15 -0.86 -8.20
C THR A 32 12.73 -1.36 -6.83
N TRP A 33 11.76 -0.67 -6.24
CA TRP A 33 11.07 -1.13 -5.04
C TRP A 33 9.64 -1.56 -5.37
N ASP A 34 9.23 -2.71 -4.86
CA ASP A 34 7.85 -3.18 -5.02
C ASP A 34 7.26 -3.62 -3.69
N GLU A 35 5.96 -3.41 -3.53
CA GLU A 35 5.24 -4.00 -2.43
C GLU A 35 4.65 -5.30 -2.94
N VAL A 36 5.00 -6.39 -2.27
CA VAL A 36 4.59 -7.73 -2.68
C VAL A 36 4.20 -8.49 -1.42
N ARG A 37 2.90 -8.81 -1.32
CA ARG A 37 2.35 -9.58 -0.20
C ARG A 37 2.73 -9.04 1.20
N GLY A 38 2.69 -7.72 1.37
CA GLY A 38 3.02 -7.09 2.64
C GLY A 38 4.52 -6.96 2.91
N GLU A 39 5.33 -7.27 1.90
CA GLU A 39 6.79 -7.19 1.99
C GLU A 39 7.35 -6.13 1.03
N TYR A 40 8.51 -5.59 1.37
CA TYR A 40 9.20 -4.66 0.47
C TYR A 40 10.20 -5.48 -0.32
N VAL A 41 10.16 -5.35 -1.64
CA VAL A 41 11.03 -6.10 -2.54
C VAL A 41 11.89 -5.17 -3.40
N LEU A 42 13.20 -5.29 -3.21
CA LEU A 42 14.19 -4.57 -4.00
C LEU A 42 14.69 -5.47 -5.12
N THR A 43 14.48 -5.04 -6.37
CA THR A 43 14.99 -5.76 -7.55
C THR A 43 16.14 -4.96 -8.15
N MET A 44 17.23 -5.65 -8.46
CA MET A 44 18.44 -5.01 -8.98
C MET A 44 18.93 -5.72 -10.24
N GLY A 45 19.39 -4.94 -11.22
CA GLY A 45 19.87 -5.47 -12.48
C GLY A 45 21.03 -6.45 -12.38
N GLY A 46 21.83 -6.34 -11.32
CA GLY A 46 22.97 -7.21 -11.07
C GLY A 46 23.72 -6.76 -9.82
N SER A 47 24.89 -7.37 -9.60
CA SER A 47 25.72 -7.04 -8.44
C SER A 47 26.30 -5.63 -8.51
N GLY A 48 26.30 -4.94 -7.38
CA GLY A 48 26.99 -3.67 -7.27
C GLY A 48 26.11 -2.46 -6.99
N THR A 49 24.84 -2.70 -6.67
CA THR A 49 23.97 -1.58 -6.32
C THR A 49 23.15 -1.88 -5.07
N SER A 50 22.25 -0.98 -4.73
CA SER A 50 21.54 -1.04 -3.47
C SER A 50 20.29 -0.17 -3.45
N GLY A 51 19.54 -0.27 -2.37
CA GLY A 51 18.38 0.57 -2.14
C GLY A 51 18.16 0.81 -0.67
N SER A 52 17.60 1.97 -0.33
CA SER A 52 17.38 2.37 1.05
C SER A 52 15.91 2.59 1.38
N LEU A 53 15.54 2.23 2.60
CA LEU A 53 14.22 2.53 3.16
C LEU A 53 14.40 3.42 4.38
N ARG A 54 13.60 4.47 4.45
CA ARG A 54 13.61 5.35 5.61
C ARG A 54 12.30 5.22 6.36
N PHE A 55 12.42 5.13 7.69
CA PHE A 55 11.27 5.05 8.58
C PHE A 55 11.36 6.15 9.61
N VAL A 56 10.20 6.72 9.94
CA VAL A 56 10.09 7.82 10.89
C VAL A 56 9.04 7.50 11.93
N SER A 57 9.39 7.68 13.20
CA SER A 57 8.41 7.71 14.29
C SER A 57 8.29 9.15 14.77
N SER A 58 7.26 9.84 14.30
CA SER A 58 7.09 11.25 14.63
C SER A 58 6.61 11.47 16.07
N ASP A 59 5.92 10.46 16.62
CA ASP A 59 5.52 10.42 18.03
C ASP A 59 6.71 10.63 18.97
N THR A 60 7.85 10.04 18.61
CA THR A 60 9.00 9.99 19.50
C THR A 60 10.24 10.68 18.91
N ASP A 61 10.06 11.32 17.75
CA ASP A 61 11.14 12.04 17.07
C ASP A 61 12.33 11.11 16.74
N GLU A 62 12.02 9.90 16.28
CA GLU A 62 13.05 8.92 15.90
C GLU A 62 12.93 8.57 14.43
N SER A 63 14.04 8.10 13.86
CA SER A 63 14.11 7.72 12.46
C SER A 63 15.34 6.85 12.19
N PHE A 64 15.34 6.18 11.04
CA PHE A 64 16.50 5.44 10.58
C PHE A 64 16.41 5.18 9.09
N VAL A 65 17.57 4.94 8.47
CA VAL A 65 17.62 4.49 7.10
C VAL A 65 18.29 3.11 7.08
N ALA A 66 17.60 2.14 6.48
CA ALA A 66 18.13 0.80 6.31
C ALA A 66 18.46 0.60 4.83
N THR A 67 19.68 0.15 4.56
CA THR A 67 20.14 -0.02 3.19
C THR A 67 20.45 -1.48 2.90
N PHE A 68 20.07 -1.92 1.70
CA PHE A 68 20.25 -3.30 1.27
C PHE A 68 20.83 -3.32 -0.12
N GLY A 69 21.75 -4.23 -0.36
CA GLY A 69 22.34 -4.36 -1.68
C GLY A 69 23.12 -5.64 -1.89
N VAL A 70 23.79 -5.68 -3.04
CA VAL A 70 24.69 -6.79 -3.33
C VAL A 70 26.02 -6.21 -3.74
N HIS A 71 27.07 -6.64 -3.05
CA HIS A 71 28.43 -6.20 -3.34
C HIS A 71 29.31 -7.41 -3.66
N ASN A 72 29.94 -7.39 -4.84
CA ASN A 72 30.74 -8.51 -5.33
C ASN A 72 30.05 -9.87 -5.17
N TYR A 73 28.77 -9.93 -5.58
CA TYR A 73 27.99 -11.17 -5.63
C TYR A 73 27.56 -11.72 -4.25
N LYS A 74 27.70 -10.90 -3.22
CA LYS A 74 27.24 -11.23 -1.87
C LYS A 74 26.39 -10.09 -1.31
N ARG A 75 25.34 -10.45 -0.57
CA ARG A 75 24.44 -9.47 0.02
C ARG A 75 25.12 -8.64 1.11
N TRP A 76 24.65 -7.41 1.27
CA TRP A 76 25.07 -6.55 2.35
C TRP A 76 23.90 -5.75 2.91
N CYS A 77 24.12 -5.15 4.08
CA CYS A 77 23.11 -4.36 4.75
C CYS A 77 23.75 -3.41 5.74
N ASP A 78 23.07 -2.30 6.00
CA ASP A 78 23.50 -1.33 7.00
C ASP A 78 22.32 -0.52 7.50
N ILE A 79 22.45 0.00 8.72
CA ILE A 79 21.47 0.91 9.30
C ILE A 79 22.18 2.20 9.72
N VAL A 80 21.54 3.33 9.42
CA VAL A 80 21.99 4.62 9.92
C VAL A 80 20.85 5.26 10.71
N THR A 81 21.17 5.72 11.92
CA THR A 81 20.17 6.41 12.75
C THR A 81 20.77 7.70 13.35
N ASN A 82 20.12 8.27 14.37
CA ASN A 82 20.44 9.63 14.84
C ASN A 82 20.55 10.60 13.66
N LEU A 83 19.62 10.51 12.71
CA LEU A 83 19.68 11.29 11.48
C LEU A 83 19.47 12.78 11.69
N THR A 84 20.25 13.60 10.99
CA THR A 84 19.96 15.04 10.89
C THR A 84 18.76 15.24 9.96
N ASN A 85 18.18 16.44 9.99
CA ASN A 85 17.05 16.75 9.12
C ASN A 85 17.41 16.64 7.65
N GLU A 86 18.70 16.80 7.38
CA GLU A 86 19.26 16.75 6.03
C GLU A 86 19.56 15.34 5.53
N GLN A 87 19.42 14.33 6.40
CA GLN A 87 19.78 12.96 6.02
C GLN A 87 18.58 12.11 5.59
N THR A 88 18.06 12.37 4.39
CA THR A 88 17.02 11.54 3.81
C THR A 88 17.63 10.25 3.27
N ALA A 89 16.80 9.31 2.85
CA ALA A 89 17.31 8.09 2.22
C ALA A 89 18.07 8.43 0.93
N LEU A 90 17.58 9.42 0.19
CA LEU A 90 18.29 9.94 -0.99
C LEU A 90 19.77 10.21 -0.70
N VAL A 91 20.03 10.96 0.38
CA VAL A 91 21.38 11.34 0.79
C VAL A 91 22.18 10.12 1.24
N ILE A 92 21.60 9.34 2.16
CA ILE A 92 22.29 8.21 2.77
C ILE A 92 22.69 7.14 1.74
N ASN A 93 21.76 6.77 0.87
CA ASN A 93 21.97 5.73 -0.14
C ASN A 93 23.25 5.96 -0.95
N GLN A 94 23.47 7.21 -1.33
CA GLN A 94 24.62 7.63 -2.13
C GLN A 94 25.95 7.51 -1.40
N GLU A 95 25.92 7.73 -0.09
CA GLU A 95 27.14 7.78 0.72
C GLU A 95 27.90 6.44 0.76
N TYR A 96 27.23 5.36 0.40
CA TYR A 96 27.84 4.03 0.34
C TYR A 96 28.74 3.83 -0.87
N TYR A 97 28.85 4.85 -1.71
CA TYR A 97 29.76 4.78 -2.86
C TYR A 97 30.67 6.01 -2.90
N GLY A 98 31.36 6.26 -1.78
CA GLY A 98 32.31 7.35 -1.68
C GLY A 98 32.78 7.67 -0.26
N VAL A 99 31.87 7.56 0.71
CA VAL A 99 32.21 7.83 2.12
C VAL A 99 32.77 6.56 2.78
N PRO A 100 34.02 6.66 3.25
CA PRO A 100 34.75 5.51 3.81
C PRO A 100 34.05 4.64 4.88
N ILE A 101 33.46 5.18 5.95
CA ILE A 101 32.78 4.28 6.92
C ILE A 101 31.57 3.59 6.31
N ARG A 102 30.89 4.27 5.40
CA ARG A 102 29.75 3.68 4.69
C ARG A 102 30.25 2.64 3.69
N ASP A 103 31.35 2.94 3.02
CA ASP A 103 31.99 1.99 2.11
C ASP A 103 32.30 0.69 2.84
N GLN A 104 32.86 0.82 4.04
CA GLN A 104 33.20 -0.33 4.88
C GLN A 104 32.00 -1.22 5.18
N ALA A 105 30.90 -0.65 5.67
CA ALA A 105 29.68 -1.43 5.93
C ALA A 105 29.26 -2.23 4.70
N ARG A 106 29.35 -1.63 3.51
CA ARG A 106 29.03 -2.34 2.27
C ARG A 106 30.02 -3.48 1.99
N GLU A 107 31.31 -3.19 2.15
CA GLU A 107 32.36 -4.18 1.91
C GLU A 107 32.25 -5.38 2.86
N ASN A 108 31.77 -5.12 4.07
CA ASN A 108 31.58 -6.16 5.09
C ASN A 108 30.61 -7.29 4.69
N GLN A 109 29.76 -7.02 3.70
CA GLN A 109 28.86 -8.05 3.14
C GLN A 109 28.14 -8.86 4.22
N LEU A 110 27.58 -8.15 5.20
CA LEU A 110 27.00 -8.77 6.39
C LEU A 110 25.66 -9.46 6.14
N THR A 111 25.47 -10.61 6.78
CA THR A 111 24.18 -11.29 6.82
C THR A 111 23.35 -10.79 8.00
N SER A 112 24.00 -10.04 8.89
CA SER A 112 23.38 -9.58 10.13
C SER A 112 24.03 -8.29 10.61
N TYR A 113 23.20 -7.32 10.94
CA TYR A 113 23.67 -6.06 11.50
C TYR A 113 22.66 -5.45 12.47
N ASN A 114 23.18 -4.74 13.46
CA ASN A 114 22.35 -4.01 14.41
C ASN A 114 23.09 -2.83 15.00
N VAL A 115 22.34 -1.79 15.35
CA VAL A 115 22.86 -0.56 15.94
C VAL A 115 21.73 0.03 16.78
N ALA A 116 22.04 1.04 17.58
CA ALA A 116 21.05 1.72 18.41
C ALA A 116 21.11 3.22 18.24
N ASN A 117 19.98 3.90 18.34
CA ASN A 117 19.98 5.37 18.40
C ASN A 117 20.34 5.88 19.79
N ALA A 118 20.45 7.20 19.95
CA ALA A 118 20.89 7.80 21.22
C ALA A 118 19.88 7.60 22.35
N LYS A 119 18.64 7.30 21.97
CA LYS A 119 17.57 7.02 22.91
C LYS A 119 17.60 5.57 23.41
N GLY A 120 18.49 4.75 22.83
CA GLY A 120 18.63 3.36 23.25
C GLY A 120 17.79 2.32 22.50
N ARG A 121 16.99 2.79 21.55
CA ARG A 121 16.23 1.88 20.68
C ARG A 121 17.14 1.15 19.68
N ARG A 122 16.97 -0.17 19.59
CA ARG A 122 17.77 -1.01 18.69
C ARG A 122 17.06 -1.23 17.35
N PHE A 123 17.86 -1.27 16.29
CA PHE A 123 17.38 -1.61 14.95
C PHE A 123 18.26 -2.73 14.41
N ALA A 124 17.64 -3.70 13.75
CA ALA A 124 18.40 -4.84 13.25
C ALA A 124 17.97 -5.32 11.87
N ILE A 125 18.94 -5.88 11.13
CA ILE A 125 18.68 -6.61 9.89
C ILE A 125 19.31 -7.99 9.99
N GLU A 126 18.51 -9.01 9.69
CA GLU A 126 18.97 -10.38 9.59
C GLU A 126 18.43 -10.97 8.30
N TYR A 127 19.35 -11.37 7.41
CA TYR A 127 18.98 -12.13 6.24
C TYR A 127 18.67 -13.57 6.67
N THR A 128 17.55 -14.11 6.19
CA THR A 128 17.18 -15.49 6.46
C THR A 128 17.58 -16.41 5.30
N VAL A 129 17.68 -15.81 4.11
CA VAL A 129 18.26 -16.46 2.94
C VAL A 129 19.45 -15.62 2.51
N THR A 130 20.65 -16.22 2.57
CA THR A 130 21.91 -15.49 2.41
C THR A 130 22.61 -15.74 1.09
N GLU A 131 22.18 -16.77 0.37
CA GLU A 131 22.80 -17.14 -0.90
C GLU A 131 21.80 -17.15 -2.05
N GLY A 132 22.30 -16.95 -3.27
CA GLY A 132 21.47 -17.06 -4.47
C GLY A 132 20.91 -15.73 -4.97
N ASP A 133 20.08 -15.79 -5.99
CA ASP A 133 19.54 -14.61 -6.67
C ASP A 133 18.44 -13.94 -5.87
N ASN A 134 17.70 -14.73 -5.09
CA ASN A 134 16.52 -14.22 -4.41
C ASN A 134 16.66 -14.25 -2.89
N LEU A 135 17.14 -13.13 -2.34
CA LEU A 135 17.49 -13.04 -0.93
C LEU A 135 16.34 -12.55 -0.07
N LYS A 136 16.39 -12.85 1.23
CA LYS A 136 15.33 -12.47 2.18
C LYS A 136 15.90 -11.95 3.48
N ALA A 137 15.30 -10.87 3.98
CA ALA A 137 15.78 -10.26 5.22
C ALA A 137 14.61 -9.84 6.10
N ASN A 138 14.83 -9.89 7.41
CA ASN A 138 13.94 -9.27 8.38
C ASN A 138 14.53 -7.93 8.80
N LEU A 139 13.67 -6.92 8.87
CA LEU A 139 14.05 -5.64 9.44
C LEU A 139 13.30 -5.52 10.76
N ILE A 140 14.05 -5.55 11.85
CA ILE A 140 13.48 -5.61 13.19
C ILE A 140 13.67 -4.26 13.88
N ILE A 141 12.56 -3.61 14.18
CA ILE A 141 12.56 -2.34 14.91
C ILE A 141 12.28 -2.61 16.37
N GLY A 142 13.24 -2.27 17.22
CA GLY A 142 13.15 -2.54 18.66
C GLY A 142 12.46 -1.42 19.41
N THR B 1 4.67 24.39 7.05
CA THR B 1 4.61 23.06 6.39
C THR B 1 3.83 23.14 5.08
N TYR B 2 4.36 22.51 4.03
CA TYR B 2 3.63 22.33 2.79
C TYR B 2 3.31 20.86 2.61
N THR B 3 2.13 20.57 2.06
CA THR B 3 1.86 19.24 1.51
C THR B 3 1.47 19.31 0.04
N ILE B 4 1.83 18.27 -0.71
CA ILE B 4 1.38 18.11 -2.08
C ILE B 4 0.76 16.73 -2.17
N SER B 5 -0.56 16.71 -2.40
CA SER B 5 -1.31 15.46 -2.50
C SER B 5 -1.55 15.10 -3.97
N ILE B 6 -1.22 13.86 -4.33
CA ILE B 6 -1.17 13.48 -5.73
C ILE B 6 -2.10 12.31 -6.05
N ARG B 7 -2.98 12.55 -7.01
CA ARG B 7 -3.86 11.52 -7.54
C ARG B 7 -3.27 11.03 -8.87
N VAL B 8 -3.09 9.72 -9.00
CA VAL B 8 -2.55 9.13 -10.22
C VAL B 8 -3.67 8.59 -11.12
N TYR B 9 -3.68 9.05 -12.37
CA TYR B 9 -4.59 8.56 -13.39
C TYR B 9 -3.83 7.86 -14.52
N GLN B 10 -4.27 6.66 -14.87
CA GLN B 10 -3.73 5.92 -16.00
C GLN B 10 -4.86 5.75 -17.00
N THR B 11 -4.72 6.39 -18.16
CA THR B 11 -5.86 6.63 -19.05
C THR B 11 -6.13 5.55 -20.11
N THR B 12 -5.14 4.70 -20.37
CA THR B 12 -5.29 3.66 -21.38
C THR B 12 -4.73 2.33 -20.90
N PRO B 13 -5.45 1.23 -21.17
CA PRO B 13 -5.00 -0.12 -20.80
C PRO B 13 -3.88 -0.65 -21.70
N LYS B 14 -3.06 0.24 -22.24
CA LYS B 14 -1.91 -0.16 -23.06
C LYS B 14 -0.63 0.09 -22.27
N GLY B 15 -0.01 -0.98 -21.79
CA GLY B 15 1.06 -0.90 -20.82
C GLY B 15 0.48 -0.78 -19.43
N PHE B 16 1.34 -0.81 -18.42
CA PHE B 16 0.95 -0.59 -17.03
C PHE B 16 2.11 -0.06 -16.20
N PHE B 17 1.95 1.16 -15.72
CA PHE B 17 2.96 1.83 -14.93
C PHE B 17 2.72 1.59 -13.45
N ARG B 18 3.74 1.05 -12.79
CA ARG B 18 3.70 0.79 -11.36
C ARG B 18 4.68 1.72 -10.62
N PRO B 19 4.37 2.06 -9.36
CA PRO B 19 5.28 2.87 -8.53
C PRO B 19 6.51 2.05 -8.11
N VAL B 20 7.71 2.63 -8.22
CA VAL B 20 8.92 1.86 -7.95
C VAL B 20 9.92 2.57 -7.03
N GLU B 21 9.69 3.85 -6.77
CA GLU B 21 10.64 4.68 -6.06
C GLU B 21 9.99 5.97 -5.63
N ARG B 22 10.37 6.44 -4.44
CA ARG B 22 9.97 7.76 -3.96
C ARG B 22 11.07 8.38 -3.12
N THR B 23 11.51 9.57 -3.49
CA THR B 23 12.67 10.20 -2.86
C THR B 23 12.35 11.58 -2.25
N ASN B 24 13.21 12.02 -1.34
CA ASN B 24 13.09 13.33 -0.70
C ASN B 24 14.39 14.13 -0.76
N TRP B 25 14.35 15.32 -1.34
CA TRP B 25 15.53 16.19 -1.35
C TRP B 25 15.76 16.76 0.06
N LYS B 26 17.02 17.12 0.33
CA LYS B 26 17.48 17.37 1.71
C LYS B 26 17.24 18.79 2.24
N TYR B 27 16.94 19.74 1.35
CA TYR B 27 16.78 21.14 1.75
C TYR B 27 15.55 21.33 2.63
N ALA B 28 15.48 22.49 3.29
CA ALA B 28 14.36 22.87 4.16
C ALA B 28 13.94 21.78 5.15
N ASN B 29 14.93 21.08 5.73
CA ASN B 29 14.71 20.01 6.70
C ASN B 29 14.09 18.73 6.11
N GLY B 30 14.26 18.57 4.79
CA GLY B 30 13.84 17.38 4.09
C GLY B 30 12.33 17.30 3.90
N GLY B 31 11.85 16.07 3.80
CA GLY B 31 10.43 15.82 3.65
C GLY B 31 10.10 14.34 3.78
N THR B 32 8.82 14.01 3.64
CA THR B 32 8.38 12.62 3.68
C THR B 32 7.35 12.34 2.59
N TRP B 33 7.24 11.07 2.22
CA TRP B 33 6.15 10.58 1.39
C TRP B 33 5.23 9.71 2.23
N ASP B 34 3.92 9.87 2.06
CA ASP B 34 2.94 9.03 2.74
C ASP B 34 1.85 8.57 1.76
N GLU B 35 1.33 7.37 1.98
CA GLU B 35 0.14 6.92 1.27
C GLU B 35 -1.06 7.28 2.16
N VAL B 36 -1.96 8.11 1.62
CA VAL B 36 -3.11 8.60 2.36
C VAL B 36 -4.35 8.49 1.49
N ARG B 37 -5.22 7.54 1.82
CA ARG B 37 -6.51 7.37 1.12
C ARG B 37 -6.32 7.16 -0.38
N GLY B 38 -5.28 6.41 -0.75
CA GLY B 38 -4.99 6.06 -2.14
C GLY B 38 -4.27 7.15 -2.94
N GLU B 39 -3.69 8.10 -2.21
CA GLU B 39 -3.00 9.25 -2.80
C GLU B 39 -1.57 9.29 -2.29
N TYR B 40 -0.68 9.89 -3.07
CA TYR B 40 0.67 10.13 -2.60
C TYR B 40 0.74 11.52 -2.00
N VAL B 41 1.16 11.61 -0.74
CA VAL B 41 1.24 12.88 -0.03
C VAL B 41 2.70 13.22 0.33
N LEU B 42 3.20 14.26 -0.32
CA LEU B 42 4.52 14.79 -0.02
C LEU B 42 4.40 15.89 1.03
N THR B 43 5.07 15.70 2.15
CA THR B 43 5.09 16.67 3.24
C THR B 43 6.49 17.24 3.37
N MET B 44 6.60 18.57 3.26
CA MET B 44 7.89 19.26 3.41
C MET B 44 7.82 20.30 4.54
N GLY B 45 8.95 20.55 5.17
CA GLY B 45 9.02 21.44 6.32
C GLY B 45 8.92 22.92 5.96
N GLY B 46 9.28 23.25 4.72
CA GLY B 46 9.21 24.63 4.26
C GLY B 46 9.39 24.71 2.76
N SER B 47 9.49 25.93 2.25
CA SER B 47 9.72 26.17 0.84
C SER B 47 11.19 25.95 0.51
N GLY B 48 11.45 25.35 -0.65
CA GLY B 48 12.82 25.19 -1.12
C GLY B 48 13.29 23.76 -1.31
N THR B 49 12.38 22.81 -1.17
CA THR B 49 12.72 21.42 -1.41
C THR B 49 11.67 20.70 -2.26
N SER B 50 11.80 19.38 -2.40
CA SER B 50 10.98 18.63 -3.34
C SER B 50 11.10 17.15 -3.10
N GLY B 51 10.27 16.40 -3.83
CA GLY B 51 10.27 14.95 -3.78
C GLY B 51 9.91 14.38 -5.15
N SER B 52 10.45 13.21 -5.46
CA SER B 52 10.23 12.58 -6.76
C SER B 52 9.55 11.21 -6.64
N LEU B 53 8.74 10.87 -7.65
CA LEU B 53 8.16 9.53 -7.78
C LEU B 53 8.55 8.94 -9.13
N ARG B 54 9.02 7.71 -9.13
CA ARG B 54 9.32 7.00 -10.37
C ARG B 54 8.27 5.93 -10.64
N PHE B 55 7.84 5.84 -11.90
CA PHE B 55 6.91 4.81 -12.35
C PHE B 55 7.51 4.08 -13.55
N VAL B 56 7.31 2.76 -13.59
CA VAL B 56 7.87 1.90 -14.61
C VAL B 56 6.78 1.03 -15.22
N SER B 57 6.80 0.93 -16.56
CA SER B 57 5.98 -0.04 -17.27
C SER B 57 6.89 -1.04 -17.97
N SER B 58 6.99 -2.23 -17.40
CA SER B 58 7.89 -3.27 -17.89
C SER B 58 7.37 -3.93 -19.15
N ASP B 59 6.06 -3.93 -19.33
CA ASP B 59 5.42 -4.44 -20.53
C ASP B 59 5.97 -3.75 -21.79
N THR B 60 6.24 -2.44 -21.68
CA THR B 60 6.56 -1.63 -22.85
C THR B 60 7.92 -0.91 -22.78
N ASP B 61 8.74 -1.29 -21.80
CA ASP B 61 10.06 -0.66 -21.61
C ASP B 61 9.94 0.86 -21.50
N GLU B 62 8.96 1.30 -20.69
CA GLU B 62 8.74 2.73 -20.46
C GLU B 62 8.85 3.09 -18.98
N SER B 63 9.18 4.37 -18.73
CA SER B 63 9.35 4.87 -17.39
C SER B 63 9.36 6.40 -17.36
N PHE B 64 9.18 6.96 -16.16
CA PHE B 64 9.25 8.40 -15.98
C PHE B 64 9.42 8.75 -14.50
N VAL B 65 10.05 9.88 -14.23
CA VAL B 65 10.13 10.42 -12.87
C VAL B 65 9.35 11.71 -12.81
N ALA B 66 8.42 11.80 -11.86
CA ALA B 66 7.66 13.03 -11.63
C ALA B 66 8.12 13.71 -10.35
N THR B 67 8.47 14.99 -10.43
CA THR B 67 8.97 15.71 -9.27
C THR B 67 8.05 16.85 -8.88
N PHE B 68 7.79 16.98 -7.58
CA PHE B 68 6.95 18.04 -7.05
C PHE B 68 7.65 18.73 -5.89
N GLY B 69 7.50 20.05 -5.81
CA GLY B 69 8.11 20.80 -4.73
C GLY B 69 7.58 22.20 -4.61
N VAL B 70 8.23 22.99 -3.77
CA VAL B 70 7.89 24.39 -3.60
C VAL B 70 9.18 25.21 -3.73
N HIS B 71 9.16 26.21 -4.61
CA HIS B 71 10.30 27.06 -4.87
C HIS B 71 9.88 28.52 -4.72
N ASN B 72 10.60 29.24 -3.86
CA ASN B 72 10.22 30.61 -3.50
C ASN B 72 8.71 30.74 -3.29
N TYR B 73 8.19 29.87 -2.43
CA TYR B 73 6.80 29.92 -1.94
C TYR B 73 5.71 29.65 -2.99
N LYS B 74 6.11 29.12 -4.14
CA LYS B 74 5.16 28.68 -5.17
C LYS B 74 5.47 27.25 -5.58
N ARG B 75 4.42 26.46 -5.81
CA ARG B 75 4.57 25.08 -6.23
C ARG B 75 5.27 24.98 -7.59
N TRP B 76 5.98 23.87 -7.77
CA TRP B 76 6.54 23.52 -9.07
C TRP B 76 6.40 22.03 -9.34
N CYS B 77 6.50 21.67 -10.61
CA CYS B 77 6.46 20.29 -11.04
C CYS B 77 7.28 20.11 -12.30
N ASP B 78 7.76 18.89 -12.51
CA ASP B 78 8.46 18.52 -13.73
C ASP B 78 8.35 17.01 -13.96
N ILE B 79 8.41 16.59 -15.22
CA ILE B 79 8.47 15.17 -15.59
C ILE B 79 9.71 14.93 -16.44
N VAL B 80 10.45 13.88 -16.11
CA VAL B 80 11.55 13.44 -16.95
C VAL B 80 11.29 11.99 -17.37
N THR B 81 11.36 11.75 -18.67
CA THR B 81 11.19 10.42 -19.22
C THR B 81 12.36 10.11 -20.15
N ASN B 82 12.24 9.05 -20.96
CA ASN B 82 13.37 8.54 -21.75
C ASN B 82 14.58 8.31 -20.83
N LEU B 83 14.32 7.70 -19.69
CA LEU B 83 15.33 7.49 -18.67
C LEU B 83 16.32 6.41 -19.07
N THR B 84 17.60 6.64 -18.78
CA THR B 84 18.59 5.57 -18.86
C THR B 84 18.43 4.70 -17.60
N ASN B 85 19.09 3.56 -17.58
CA ASN B 85 19.04 2.67 -16.41
C ASN B 85 19.72 3.29 -15.19
N GLU B 86 20.51 4.35 -15.41
CA GLU B 86 21.25 5.02 -14.35
C GLU B 86 20.46 6.19 -13.80
N GLN B 87 19.33 6.50 -14.45
CA GLN B 87 18.50 7.64 -14.02
C GLN B 87 17.33 7.20 -13.14
N THR B 88 17.66 6.87 -11.89
CA THR B 88 16.65 6.60 -10.87
C THR B 88 16.13 7.93 -10.32
N ALA B 89 15.06 7.88 -9.53
CA ALA B 89 14.52 9.09 -8.90
C ALA B 89 15.56 9.76 -8.00
N LEU B 90 16.40 8.95 -7.36
CA LEU B 90 17.50 9.44 -6.52
C LEU B 90 18.41 10.38 -7.31
N VAL B 91 18.78 9.95 -8.52
CA VAL B 91 19.57 10.76 -9.44
C VAL B 91 18.79 11.98 -9.91
N ILE B 92 17.58 11.78 -10.41
CA ILE B 92 16.78 12.86 -10.98
C ILE B 92 16.44 13.96 -9.97
N ASN B 93 16.01 13.58 -8.77
CA ASN B 93 15.66 14.54 -7.73
C ASN B 93 16.80 15.49 -7.41
N GLN B 94 17.99 14.93 -7.19
CA GLN B 94 19.21 15.67 -6.87
C GLN B 94 19.55 16.71 -7.94
N GLU B 95 19.29 16.35 -9.20
CA GLU B 95 19.66 17.16 -10.36
C GLU B 95 18.93 18.50 -10.44
N TYR B 96 17.81 18.64 -9.72
CA TYR B 96 17.07 19.90 -9.68
C TYR B 96 17.77 20.96 -8.81
N TYR B 97 18.96 20.63 -8.31
CA TYR B 97 19.71 21.58 -7.49
C TYR B 97 21.18 21.59 -7.93
N GLY B 98 21.39 21.78 -9.24
CA GLY B 98 22.72 21.88 -9.81
C GLY B 98 22.79 21.87 -11.33
N VAL B 99 21.89 21.12 -11.97
CA VAL B 99 21.86 21.03 -13.43
C VAL B 99 20.97 22.14 -14.01
N PRO B 100 21.54 23.00 -14.85
CA PRO B 100 20.84 24.17 -15.38
C PRO B 100 19.43 23.92 -15.95
N ILE B 101 19.28 22.97 -16.86
CA ILE B 101 17.97 22.67 -17.47
C ILE B 101 16.92 22.21 -16.44
N ARG B 102 17.35 21.43 -15.46
CA ARG B 102 16.49 21.01 -14.34
C ARG B 102 16.18 22.19 -13.44
N ASP B 103 17.20 22.98 -13.10
CA ASP B 103 17.02 24.20 -12.30
C ASP B 103 15.95 25.09 -12.89
N GLN B 104 16.03 25.32 -14.21
CA GLN B 104 15.09 26.19 -14.90
C GLN B 104 13.65 25.66 -14.81
N ALA B 105 13.47 24.36 -15.00
CA ALA B 105 12.16 23.72 -14.88
C ALA B 105 11.54 23.99 -13.51
N ARG B 106 12.35 23.85 -12.47
CA ARG B 106 11.93 24.16 -11.11
C ARG B 106 11.67 25.64 -10.94
N GLU B 107 12.54 26.48 -11.51
CA GLU B 107 12.38 27.94 -11.45
C GLU B 107 11.12 28.44 -12.15
N ASN B 108 10.61 27.66 -13.10
CA ASN B 108 9.38 28.03 -13.82
C ASN B 108 8.11 28.04 -12.95
N GLN B 109 8.14 27.28 -11.85
CA GLN B 109 7.03 27.27 -10.87
C GLN B 109 5.69 26.99 -11.53
N LEU B 110 5.63 25.91 -12.31
CA LEU B 110 4.49 25.64 -13.17
C LEU B 110 3.36 24.96 -12.40
N THR B 111 2.14 25.32 -12.75
CA THR B 111 0.94 24.68 -12.20
C THR B 111 0.56 23.48 -13.03
N SER B 112 1.17 23.37 -14.21
CA SER B 112 0.90 22.26 -15.11
C SER B 112 2.04 22.06 -16.11
N TYR B 113 2.32 20.79 -16.40
CA TYR B 113 3.41 20.40 -17.29
C TYR B 113 3.07 19.07 -17.94
N ASN B 114 3.45 18.92 -19.20
CA ASN B 114 3.26 17.66 -19.90
C ASN B 114 4.39 17.44 -20.89
N VAL B 115 4.66 16.17 -21.17
CA VAL B 115 5.78 15.79 -22.02
C VAL B 115 5.54 14.39 -22.61
N ALA B 116 6.07 14.15 -23.81
CA ALA B 116 5.96 12.84 -24.45
C ALA B 116 7.30 12.12 -24.47
N ASN B 117 7.27 10.81 -24.26
CA ASN B 117 8.48 10.00 -24.37
C ASN B 117 8.81 9.66 -25.84
N ALA B 118 9.88 8.88 -26.03
CA ALA B 118 10.32 8.48 -27.37
C ALA B 118 9.27 7.71 -28.19
N LYS B 119 8.32 7.08 -27.50
CA LYS B 119 7.26 6.33 -28.16
C LYS B 119 6.01 7.16 -28.42
N GLY B 120 6.02 8.42 -27.96
CA GLY B 120 4.94 9.35 -28.24
C GLY B 120 3.81 9.33 -27.22
N ARG B 121 4.03 8.64 -26.11
CA ARG B 121 3.07 8.62 -25.00
C ARG B 121 3.27 9.87 -24.14
N ARG B 122 2.17 10.54 -23.78
CA ARG B 122 2.25 11.78 -23.03
C ARG B 122 2.07 11.55 -21.53
N PHE B 123 2.83 12.29 -20.74
CA PHE B 123 2.68 12.31 -19.28
C PHE B 123 2.38 13.74 -18.84
N ALA B 124 1.47 13.90 -17.87
CA ALA B 124 1.08 15.22 -17.41
C ALA B 124 0.97 15.36 -15.89
N ILE B 125 1.34 16.54 -15.39
CA ILE B 125 1.00 16.96 -14.03
C ILE B 125 0.11 18.19 -14.14
N GLU B 126 -1.01 18.17 -13.42
CA GLU B 126 -1.86 19.35 -13.31
C GLU B 126 -2.26 19.56 -11.86
N TYR B 127 -1.85 20.69 -11.30
CA TYR B 127 -2.28 21.08 -9.95
C TYR B 127 -3.74 21.55 -10.01
N THR B 128 -4.57 20.97 -9.14
CA THR B 128 -5.98 21.39 -9.05
C THR B 128 -6.17 22.42 -7.94
N VAL B 129 -5.28 22.39 -6.95
CA VAL B 129 -5.18 23.44 -5.94
C VAL B 129 -3.75 23.99 -6.03
N THR B 130 -3.63 25.26 -6.42
CA THR B 130 -2.35 25.85 -6.80
C THR B 130 -1.82 26.86 -5.79
N GLU B 131 -2.58 27.08 -4.72
CA GLU B 131 -2.24 28.09 -3.71
C GLU B 131 -2.45 27.57 -2.29
N GLY B 132 -1.75 28.17 -1.33
CA GLY B 132 -1.84 27.77 0.06
C GLY B 132 -0.82 26.70 0.44
N ASP B 133 -0.87 26.24 1.68
CA ASP B 133 0.09 25.26 2.19
C ASP B 133 -0.20 23.86 1.70
N ASN B 134 -1.47 23.58 1.44
CA ASN B 134 -1.90 22.23 1.11
C ASN B 134 -2.32 22.13 -0.35
N LEU B 135 -1.36 21.68 -1.16
CA LEU B 135 -1.51 21.69 -2.62
C LEU B 135 -1.96 20.33 -3.14
N LYS B 136 -2.66 20.33 -4.27
CA LYS B 136 -3.23 19.11 -4.84
C LYS B 136 -2.90 19.05 -6.31
N ALA B 137 -2.52 17.87 -6.78
CA ALA B 137 -2.19 17.69 -8.19
C ALA B 137 -2.65 16.35 -8.71
N ASN B 138 -2.94 16.31 -10.01
CA ASN B 138 -3.20 15.07 -10.74
C ASN B 138 -1.96 14.71 -11.52
N LEU B 139 -1.61 13.42 -11.48
CA LEU B 139 -0.54 12.88 -12.32
C LEU B 139 -1.20 11.97 -13.33
N ILE B 140 -1.07 12.31 -14.61
CA ILE B 140 -1.85 11.66 -15.65
C ILE B 140 -0.94 10.94 -16.64
N ILE B 141 -1.14 9.63 -16.76
CA ILE B 141 -0.33 8.80 -17.65
C ILE B 141 -1.16 8.50 -18.88
N GLY B 142 -0.72 9.03 -20.04
CA GLY B 142 -1.47 8.91 -21.28
C GLY B 142 -1.20 7.63 -22.05
N THR C 1 -19.91 10.68 12.71
CA THR C 1 -18.81 9.88 12.09
C THR C 1 -17.84 9.40 13.17
N TYR C 2 -17.47 8.12 13.12
CA TYR C 2 -16.37 7.59 13.93
C TYR C 2 -15.23 7.15 13.03
N THR C 3 -14.00 7.37 13.49
CA THR C 3 -12.82 6.72 12.91
C THR C 3 -12.08 5.90 13.95
N ILE C 4 -11.59 4.73 13.55
CA ILE C 4 -10.67 3.95 14.37
C ILE C 4 -9.38 3.76 13.56
N SER C 5 -8.29 4.34 14.07
CA SER C 5 -6.97 4.25 13.43
C SER C 5 -6.10 3.22 14.15
N ILE C 6 -5.56 2.28 13.36
CA ILE C 6 -4.96 1.06 13.90
C ILE C 6 -3.50 0.91 13.47
N ARG C 7 -2.61 0.86 14.46
CA ARG C 7 -1.20 0.59 14.23
C ARG C 7 -0.93 -0.90 14.48
N VAL C 8 -0.33 -1.57 13.50
CA VAL C 8 -0.02 -2.99 13.63
C VAL C 8 1.44 -3.18 14.06
N TYR C 9 1.62 -3.95 15.13
CA TYR C 9 2.94 -4.35 15.61
C TYR C 9 3.09 -5.87 15.54
N GLN C 10 4.10 -6.35 14.82
CA GLN C 10 4.44 -7.76 14.77
C GLN C 10 5.75 -7.93 15.54
N THR C 11 5.68 -8.64 16.66
CA THR C 11 6.71 -8.56 17.70
C THR C 11 7.85 -9.57 17.62
N THR C 12 7.65 -10.66 16.87
CA THR C 12 8.65 -11.72 16.81
C THR C 12 8.90 -12.14 15.36
N PRO C 13 10.18 -12.26 15.00
CA PRO C 13 10.55 -12.69 13.64
C PRO C 13 10.26 -14.17 13.36
N LYS C 14 9.22 -14.70 13.98
CA LYS C 14 8.84 -16.10 13.77
C LYS C 14 7.46 -16.13 13.10
N GLY C 15 7.42 -16.62 11.86
CA GLY C 15 6.26 -16.43 11.01
C GLY C 15 6.20 -15.01 10.47
N PHE C 16 5.27 -14.77 9.53
CA PHE C 16 5.01 -13.42 9.02
C PHE C 16 3.54 -13.28 8.62
N PHE C 17 2.84 -12.37 9.29
CA PHE C 17 1.42 -12.13 9.02
C PHE C 17 1.28 -11.00 8.03
N ARG C 18 0.57 -11.27 6.94
CA ARG C 18 0.33 -10.27 5.91
C ARG C 18 -1.17 -9.97 5.88
N PRO C 19 -1.53 -8.73 5.56
CA PRO C 19 -2.95 -8.37 5.41
C PRO C 19 -3.55 -9.04 4.18
N VAL C 20 -4.75 -9.61 4.33
CA VAL C 20 -5.36 -10.36 3.23
C VAL C 20 -6.80 -9.95 2.92
N GLU C 21 -7.43 -9.19 3.82
CA GLU C 21 -8.84 -8.88 3.69
C GLU C 21 -9.27 -7.77 4.64
N ARG C 22 -10.17 -6.92 4.16
CA ARG C 22 -10.75 -5.86 4.99
C ARG C 22 -12.21 -5.63 4.64
N THR C 23 -13.09 -5.80 5.62
CA THR C 23 -14.53 -5.79 5.37
C THR C 23 -15.25 -4.68 6.15
N ASN C 24 -16.44 -4.33 5.69
CA ASN C 24 -17.29 -3.36 6.38
C ASN C 24 -18.69 -3.93 6.57
N TRP C 25 -19.18 -3.85 7.80
CA TRP C 25 -20.56 -4.22 8.08
C TRP C 25 -21.53 -3.13 7.60
N LYS C 26 -22.75 -3.55 7.29
CA LYS C 26 -23.73 -2.71 6.60
C LYS C 26 -24.53 -1.71 7.45
N TYR C 27 -24.46 -1.83 8.77
CA TYR C 27 -25.26 -0.98 9.66
C TYR C 27 -24.70 0.44 9.72
N ALA C 28 -25.50 1.37 10.24
CA ALA C 28 -25.10 2.78 10.39
C ALA C 28 -24.49 3.39 9.12
N ASN C 29 -25.08 3.05 7.98
CA ASN C 29 -24.65 3.55 6.67
C ASN C 29 -23.26 3.08 6.23
N GLY C 30 -22.81 1.98 6.82
CA GLY C 30 -21.63 1.28 6.36
C GLY C 30 -20.35 1.86 6.94
N GLY C 31 -19.35 2.01 6.09
CA GLY C 31 -18.06 2.54 6.49
C GLY C 31 -17.01 2.14 5.48
N THR C 32 -15.80 2.69 5.63
CA THR C 32 -14.71 2.42 4.70
C THR C 32 -13.43 2.07 5.44
N TRP C 33 -12.53 1.36 4.75
CA TRP C 33 -11.16 1.20 5.21
C TRP C 33 -10.23 2.06 4.35
N ASP C 34 -9.33 2.78 5.02
CA ASP C 34 -8.28 3.52 4.32
C ASP C 34 -6.90 3.22 4.89
N GLU C 35 -5.88 3.32 4.05
CA GLU C 35 -4.50 3.32 4.53
C GLU C 35 -4.03 4.77 4.64
N VAL C 36 -3.57 5.15 5.82
CA VAL C 36 -3.21 6.53 6.12
C VAL C 36 -1.93 6.55 6.95
N ARG C 37 -0.85 7.02 6.33
CA ARG C 37 0.46 7.12 6.97
C ARG C 37 0.89 5.80 7.64
N GLY C 38 0.67 4.68 6.94
CA GLY C 38 1.06 3.36 7.42
C GLY C 38 0.12 2.72 8.43
N GLU C 39 -1.05 3.32 8.64
CA GLU C 39 -2.04 2.81 9.59
C GLU C 39 -3.32 2.39 8.87
N TYR C 40 -4.11 1.52 9.49
CA TYR C 40 -5.42 1.14 8.97
C TYR C 40 -6.49 1.99 9.65
N VAL C 41 -7.26 2.72 8.85
CA VAL C 41 -8.26 3.65 9.37
C VAL C 41 -9.66 3.21 8.95
N LEU C 42 -10.46 2.84 9.94
CA LEU C 42 -11.85 2.48 9.73
C LEU C 42 -12.72 3.70 9.99
N THR C 43 -13.44 4.13 8.96
CA THR C 43 -14.35 5.26 9.05
C THR C 43 -15.77 4.74 8.99
N MET C 44 -16.60 5.14 9.94
CA MET C 44 -17.98 4.68 10.03
C MET C 44 -18.93 5.89 10.13
N GLY C 45 -20.15 5.72 9.62
CA GLY C 45 -21.14 6.80 9.60
C GLY C 45 -21.70 7.18 10.97
N GLY C 46 -21.84 6.19 11.84
CA GLY C 46 -22.33 6.41 13.19
C GLY C 46 -22.12 5.17 14.05
N SER C 47 -22.62 5.20 15.27
CA SER C 47 -22.48 4.06 16.18
C SER C 47 -23.31 2.89 15.68
N GLY C 48 -22.83 1.67 15.90
CA GLY C 48 -23.62 0.48 15.64
C GLY C 48 -23.14 -0.43 14.51
N THR C 49 -21.93 -0.16 14.01
CA THR C 49 -21.34 -0.98 12.96
C THR C 49 -19.86 -1.29 13.24
N SER C 50 -19.17 -1.83 12.24
CA SER C 50 -17.81 -2.32 12.44
C SER C 50 -17.12 -2.70 11.12
N GLY C 51 -15.86 -3.08 11.24
CA GLY C 51 -15.07 -3.58 10.14
C GLY C 51 -14.05 -4.57 10.64
N SER C 52 -13.63 -5.49 9.76
CA SER C 52 -12.71 -6.56 10.12
C SER C 52 -11.48 -6.57 9.21
N LEU C 53 -10.33 -6.89 9.82
CA LEU C 53 -9.09 -7.14 9.08
C LEU C 53 -8.66 -8.57 9.33
N ARG C 54 -8.27 -9.25 8.27
CA ARG C 54 -7.72 -10.60 8.40
C ARG C 54 -6.24 -10.57 8.08
N PHE C 55 -5.48 -11.34 8.85
CA PHE C 55 -4.05 -11.51 8.60
C PHE C 55 -3.71 -12.99 8.50
N VAL C 56 -2.83 -13.32 7.58
CA VAL C 56 -2.41 -14.70 7.34
C VAL C 56 -0.89 -14.85 7.42
N SER C 57 -0.43 -15.85 8.17
CA SER C 57 0.96 -16.28 8.13
C SER C 57 1.00 -17.68 7.50
N SER C 58 1.23 -17.74 6.20
CA SER C 58 1.24 -19.03 5.51
C SER C 58 2.51 -19.85 5.78
N ASP C 59 3.56 -19.20 6.29
CA ASP C 59 4.78 -19.85 6.72
C ASP C 59 4.53 -20.86 7.84
N THR C 60 3.61 -20.52 8.75
CA THR C 60 3.32 -21.31 9.94
C THR C 60 1.85 -21.75 9.99
N ASP C 61 1.11 -21.51 8.91
CA ASP C 61 -0.32 -21.81 8.82
C ASP C 61 -1.14 -21.21 9.97
N GLU C 62 -0.90 -19.94 10.25
CA GLU C 62 -1.67 -19.22 11.25
C GLU C 62 -2.46 -18.10 10.59
N SER C 63 -3.62 -17.80 11.16
CA SER C 63 -4.41 -16.65 10.74
C SER C 63 -5.29 -16.14 11.88
N PHE C 64 -5.76 -14.90 11.74
CA PHE C 64 -6.73 -14.32 12.66
C PHE C 64 -7.50 -13.22 12.00
N VAL C 65 -8.66 -12.90 12.58
CA VAL C 65 -9.44 -11.74 12.20
C VAL C 65 -9.61 -10.84 13.42
N ALA C 66 -9.33 -9.56 13.25
CA ALA C 66 -9.53 -8.55 14.28
C ALA C 66 -10.63 -7.62 13.83
N THR C 67 -11.62 -7.44 14.69
CA THR C 67 -12.78 -6.62 14.34
C THR C 67 -12.86 -5.42 15.29
N PHE C 68 -13.23 -4.28 14.74
CA PHE C 68 -13.28 -3.01 15.48
C PHE C 68 -14.60 -2.33 15.16
N GLY C 69 -15.22 -1.74 16.17
CA GLY C 69 -16.45 -1.01 15.94
C GLY C 69 -16.88 -0.19 17.13
N VAL C 70 -18.09 0.35 17.01
CA VAL C 70 -18.72 1.16 18.05
C VAL C 70 -20.12 0.60 18.33
N HIS C 71 -20.39 0.26 19.59
CA HIS C 71 -21.67 -0.27 20.02
C HIS C 71 -22.19 0.61 21.14
N ASN C 72 -23.39 1.15 20.95
CA ASN C 72 -24.00 2.10 21.90
C ASN C 72 -23.01 3.15 22.36
N TYR C 73 -22.35 3.80 21.40
CA TYR C 73 -21.47 4.95 21.65
C TYR C 73 -20.20 4.62 22.47
N LYS C 74 -19.87 3.34 22.52
CA LYS C 74 -18.58 2.90 23.07
C LYS C 74 -17.88 1.96 22.10
N ARG C 75 -16.56 2.14 21.96
CA ARG C 75 -15.74 1.31 21.09
C ARG C 75 -15.74 -0.12 21.57
N TRP C 76 -15.59 -1.07 20.63
CA TRP C 76 -15.38 -2.46 21.00
C TRP C 76 -14.35 -3.08 20.07
N CYS C 77 -13.86 -4.26 20.44
CA CYS C 77 -12.90 -5.00 19.64
C CYS C 77 -13.00 -6.48 19.99
N ASP C 78 -12.55 -7.33 19.06
CA ASP C 78 -12.46 -8.78 19.29
C ASP C 78 -11.49 -9.41 18.31
N ILE C 79 -10.94 -10.57 18.67
CA ILE C 79 -10.08 -11.35 17.78
C ILE C 79 -10.58 -12.79 17.72
N VAL C 80 -10.70 -13.30 16.51
CA VAL C 80 -10.98 -14.71 16.28
C VAL C 80 -9.80 -15.33 15.54
N THR C 81 -9.28 -16.43 16.08
CA THR C 81 -8.21 -17.15 15.42
C THR C 81 -8.59 -18.62 15.29
N ASN C 82 -7.62 -19.48 14.92
CA ASN C 82 -7.90 -20.89 14.65
C ASN C 82 -9.01 -20.99 13.60
N LEU C 83 -8.83 -20.25 12.51
CA LEU C 83 -9.83 -20.11 11.48
C LEU C 83 -9.80 -21.29 10.53
N THR C 84 -10.98 -21.82 10.20
CA THR C 84 -11.09 -22.71 9.05
C THR C 84 -10.91 -21.86 7.79
N ASN C 85 -10.77 -22.51 6.64
CA ASN C 85 -10.60 -21.81 5.39
C ASN C 85 -11.88 -21.09 4.95
N GLU C 86 -13.02 -21.54 5.49
CA GLU C 86 -14.32 -20.94 5.19
C GLU C 86 -14.59 -19.74 6.07
N GLN C 87 -13.70 -19.45 7.02
CA GLN C 87 -13.90 -18.34 7.95
C GLN C 87 -13.10 -17.11 7.54
N THR C 88 -13.52 -16.50 6.43
CA THR C 88 -12.92 -15.24 5.96
C THR C 88 -13.45 -14.10 6.82
N ALA C 89 -12.88 -12.91 6.65
CA ALA C 89 -13.35 -11.73 7.37
C ALA C 89 -14.78 -11.41 6.97
N LEU C 90 -15.13 -11.66 5.71
CA LEU C 90 -16.50 -11.50 5.25
C LEU C 90 -17.45 -12.29 6.14
N VAL C 91 -17.11 -13.55 6.41
CA VAL C 91 -17.91 -14.42 7.28
C VAL C 91 -17.91 -13.93 8.74
N ILE C 92 -16.72 -13.74 9.30
CA ILE C 92 -16.56 -13.41 10.72
C ILE C 92 -17.24 -12.08 11.10
N ASN C 93 -17.03 -11.05 10.28
CA ASN C 93 -17.60 -9.73 10.51
C ASN C 93 -19.11 -9.79 10.72
N GLN C 94 -19.79 -10.58 9.91
CA GLN C 94 -21.25 -10.69 9.91
C GLN C 94 -21.76 -11.43 11.15
N GLU C 95 -20.96 -12.38 11.64
CA GLU C 95 -21.32 -13.18 12.81
C GLU C 95 -21.52 -12.35 14.09
N TYR C 96 -20.96 -11.13 14.10
CA TYR C 96 -21.13 -10.21 15.23
C TYR C 96 -22.52 -9.60 15.33
N TYR C 97 -23.42 -10.01 14.45
CA TYR C 97 -24.78 -9.46 14.42
C TYR C 97 -25.79 -10.59 14.26
N GLY C 98 -25.66 -11.61 15.12
CA GLY C 98 -26.51 -12.79 15.06
C GLY C 98 -26.02 -13.97 15.88
N VAL C 99 -24.69 -14.20 15.88
CA VAL C 99 -24.11 -15.31 16.65
C VAL C 99 -23.86 -14.88 18.10
N PRO C 100 -24.53 -15.55 19.05
CA PRO C 100 -24.51 -15.16 20.47
C PRO C 100 -23.14 -14.85 21.11
N ILE C 101 -22.11 -15.68 20.94
CA ILE C 101 -20.81 -15.39 21.56
C ILE C 101 -20.11 -14.21 20.92
N ARG C 102 -20.29 -14.06 19.61
CA ARG C 102 -19.77 -12.90 18.89
C ARG C 102 -20.51 -11.64 19.36
N ASP C 103 -21.84 -11.73 19.42
CA ASP C 103 -22.68 -10.66 19.96
C ASP C 103 -22.17 -10.21 21.33
N GLN C 104 -21.93 -11.19 22.21
CA GLN C 104 -21.46 -10.91 23.56
C GLN C 104 -20.13 -10.16 23.57
N ALA C 105 -19.18 -10.60 22.74
CA ALA C 105 -17.90 -9.91 22.62
C ALA C 105 -18.06 -8.44 22.22
N ARG C 106 -18.95 -8.18 21.26
CA ARG C 106 -19.27 -6.81 20.85
C ARG C 106 -19.88 -6.03 22.01
N GLU C 107 -20.85 -6.65 22.69
CA GLU C 107 -21.55 -6.02 23.81
C GLU C 107 -20.65 -5.69 25.01
N ASN C 108 -19.50 -6.35 25.11
CA ASN C 108 -18.53 -6.08 26.19
C ASN C 108 -17.85 -4.72 26.06
N GLN C 109 -17.86 -4.16 24.86
CA GLN C 109 -17.33 -2.82 24.58
C GLN C 109 -15.92 -2.62 25.14
N LEU C 110 -15.05 -3.61 24.91
CA LEU C 110 -13.73 -3.65 25.54
C LEU C 110 -12.74 -2.63 24.97
N THR C 111 -11.91 -2.06 25.86
CA THR C 111 -10.82 -1.16 25.47
C THR C 111 -9.56 -1.94 25.14
N SER C 112 -9.53 -3.21 25.55
CA SER C 112 -8.43 -4.10 25.20
C SER C 112 -8.87 -5.56 25.25
N TYR C 113 -8.31 -6.35 24.35
CA TYR C 113 -8.61 -7.78 24.29
C TYR C 113 -7.41 -8.55 23.78
N ASN C 114 -7.20 -9.72 24.36
CA ASN C 114 -6.13 -10.62 23.92
C ASN C 114 -6.56 -12.09 23.99
N VAL C 115 -6.01 -12.91 23.08
CA VAL C 115 -6.37 -14.33 22.98
C VAL C 115 -5.22 -15.11 22.34
N ALA C 116 -5.05 -16.38 22.73
CA ALA C 116 -4.01 -17.22 22.12
C ALA C 116 -4.61 -18.23 21.16
N ASN C 117 -3.89 -18.49 20.07
CA ASN C 117 -4.30 -19.49 19.09
C ASN C 117 -3.85 -20.91 19.47
N ALA C 118 -4.11 -21.86 18.57
CA ALA C 118 -3.77 -23.27 18.75
C ALA C 118 -2.28 -23.53 19.00
N LYS C 119 -1.43 -22.66 18.47
CA LYS C 119 0.02 -22.80 18.61
C LYS C 119 0.60 -21.99 19.78
N GLY C 120 -0.28 -21.36 20.57
CA GLY C 120 0.13 -20.62 21.75
C GLY C 120 0.55 -19.19 21.50
N ARG C 121 0.39 -18.73 20.26
CA ARG C 121 0.72 -17.35 19.91
C ARG C 121 -0.37 -16.42 20.42
N ARG C 122 0.05 -15.34 21.07
CA ARG C 122 -0.87 -14.36 21.62
C ARG C 122 -1.11 -13.21 20.64
N PHE C 123 -2.38 -12.82 20.50
CA PHE C 123 -2.76 -11.66 19.71
C PHE C 123 -3.45 -10.66 20.63
N ALA C 124 -3.24 -9.37 20.42
CA ALA C 124 -3.82 -8.36 21.29
C ALA C 124 -4.30 -7.12 20.54
N ILE C 125 -5.42 -6.56 21.00
CA ILE C 125 -5.88 -5.24 20.59
C ILE C 125 -5.91 -4.36 21.84
N GLU C 126 -5.27 -3.20 21.75
CA GLU C 126 -5.26 -2.24 22.85
C GLU C 126 -5.55 -0.84 22.33
N TYR C 127 -6.72 -0.31 22.68
CA TYR C 127 -7.05 1.07 22.36
C TYR C 127 -6.21 2.04 23.20
N THR C 128 -5.54 2.99 22.55
CA THR C 128 -4.79 4.02 23.26
C THR C 128 -5.61 5.29 23.45
N VAL C 129 -6.59 5.48 22.57
CA VAL C 129 -7.62 6.52 22.74
C VAL C 129 -8.97 5.82 22.79
N THR C 130 -9.59 5.86 23.96
CA THR C 130 -10.78 5.08 24.27
C THR C 130 -12.06 5.89 24.17
N GLU C 131 -11.91 7.20 23.97
CA GLU C 131 -13.06 8.11 24.04
C GLU C 131 -13.11 9.12 22.91
N GLY C 132 -14.31 9.56 22.54
CA GLY C 132 -14.49 10.55 21.48
C GLY C 132 -14.80 9.92 20.13
N ASP C 133 -14.74 10.74 19.08
CA ASP C 133 -15.08 10.31 17.73
C ASP C 133 -13.90 9.63 17.02
N ASN C 134 -12.69 10.02 17.39
CA ASN C 134 -11.50 9.54 16.70
C ASN C 134 -10.66 8.64 17.60
N LEU C 135 -10.93 7.34 17.49
CA LEU C 135 -10.34 6.34 18.35
C LEU C 135 -9.05 5.79 17.74
N LYS C 136 -8.13 5.36 18.62
CA LYS C 136 -6.85 4.79 18.19
C LYS C 136 -6.61 3.46 18.89
N ALA C 137 -6.09 2.49 18.16
CA ALA C 137 -5.78 1.19 18.74
C ALA C 137 -4.49 0.61 18.19
N ASN C 138 -3.79 -0.15 19.03
CA ASN C 138 -2.67 -1.00 18.59
C ASN C 138 -3.17 -2.40 18.35
N LEU C 139 -2.71 -3.00 17.26
CA LEU C 139 -2.93 -4.43 17.00
C LEU C 139 -1.57 -5.10 17.14
N ILE C 140 -1.46 -5.96 18.15
CA ILE C 140 -0.18 -6.56 18.51
C ILE C 140 -0.21 -8.08 18.27
N ILE C 141 0.67 -8.53 17.37
CA ILE C 141 0.84 -9.94 17.05
C ILE C 141 2.07 -10.46 17.78
N GLY C 142 1.86 -11.41 18.69
CA GLY C 142 2.92 -11.96 19.52
C GLY C 142 3.71 -13.05 18.83
N THR D 1 -5.45 -24.23 -7.07
CA THR D 1 -5.32 -22.77 -6.76
C THR D 1 -5.51 -21.92 -8.02
N TYR D 2 -6.36 -20.90 -7.89
CA TYR D 2 -6.53 -19.88 -8.93
C TYR D 2 -6.04 -18.54 -8.42
N THR D 3 -5.39 -17.76 -9.29
CA THR D 3 -5.13 -16.35 -9.01
C THR D 3 -5.77 -15.50 -10.10
N ILE D 4 -6.21 -14.30 -9.71
CA ILE D 4 -6.63 -13.27 -10.64
C ILE D 4 -5.88 -11.99 -10.27
N SER D 5 -5.00 -11.55 -11.17
CA SER D 5 -4.23 -10.32 -10.97
C SER D 5 -4.91 -9.16 -11.72
N ILE D 6 -5.15 -8.07 -11.00
CA ILE D 6 -5.98 -6.97 -11.49
C ILE D 6 -5.22 -5.64 -11.54
N ARG D 7 -5.17 -5.06 -12.74
CA ARG D 7 -4.60 -3.73 -12.96
C ARG D 7 -5.73 -2.71 -13.04
N VAL D 8 -5.65 -1.66 -12.22
CA VAL D 8 -6.68 -0.63 -12.16
C VAL D 8 -6.30 0.60 -12.99
N TYR D 9 -7.19 0.97 -13.91
CA TYR D 9 -7.00 2.15 -14.77
C TYR D 9 -8.09 3.20 -14.50
N GLN D 10 -7.70 4.31 -13.89
CA GLN D 10 -8.63 5.42 -13.69
C GLN D 10 -8.40 6.45 -14.80
N THR D 11 -9.28 6.45 -15.80
CA THR D 11 -9.02 7.13 -17.06
C THR D 11 -9.29 8.63 -17.09
N THR D 12 -10.18 9.11 -16.22
CA THR D 12 -10.67 10.47 -16.30
C THR D 12 -10.37 11.27 -15.03
N PRO D 13 -9.65 12.38 -15.17
CA PRO D 13 -9.35 13.26 -14.03
C PRO D 13 -10.56 14.01 -13.46
N LYS D 14 -11.73 13.37 -13.51
CA LYS D 14 -12.94 13.92 -12.91
C LYS D 14 -13.39 12.96 -11.82
N GLY D 15 -13.43 13.45 -10.58
CA GLY D 15 -13.60 12.58 -9.43
C GLY D 15 -12.35 11.77 -9.13
N PHE D 16 -12.32 11.16 -7.95
CA PHE D 16 -11.24 10.22 -7.62
C PHE D 16 -11.74 9.03 -6.83
N PHE D 17 -11.60 7.84 -7.43
CA PHE D 17 -11.98 6.57 -6.79
C PHE D 17 -10.82 5.97 -6.03
N ARG D 18 -11.05 5.71 -4.74
CA ARG D 18 -10.06 5.10 -3.87
C ARG D 18 -10.58 3.74 -3.42
N PRO D 19 -9.68 2.78 -3.14
CA PRO D 19 -10.08 1.47 -2.66
C PRO D 19 -10.47 1.54 -1.19
N VAL D 20 -11.61 0.94 -0.83
CA VAL D 20 -12.12 1.07 0.53
C VAL D 20 -12.44 -0.28 1.20
N GLU D 21 -12.42 -1.34 0.42
CA GLU D 21 -12.86 -2.65 0.89
C GLU D 21 -12.44 -3.75 -0.06
N ARG D 22 -12.08 -4.89 0.51
CA ARG D 22 -11.78 -6.09 -0.26
C ARG D 22 -12.22 -7.32 0.53
N THR D 23 -13.05 -8.16 -0.08
CA THR D 23 -13.63 -9.30 0.62
C THR D 23 -13.33 -10.64 -0.04
N ASN D 24 -13.47 -11.72 0.73
CA ASN D 24 -13.33 -13.08 0.18
C ASN D 24 -14.54 -13.94 0.53
N TRP D 25 -15.14 -14.55 -0.48
CA TRP D 25 -16.24 -15.49 -0.25
C TRP D 25 -15.68 -16.83 0.25
N LYS D 26 -16.51 -17.57 0.98
CA LYS D 26 -16.09 -18.69 1.81
C LYS D 26 -15.95 -20.04 1.08
N TYR D 27 -16.55 -20.17 -0.10
CA TYR D 27 -16.55 -21.43 -0.83
C TYR D 27 -15.15 -21.81 -1.28
N ALA D 28 -15.00 -23.07 -1.71
CA ALA D 28 -13.76 -23.58 -2.30
C ALA D 28 -12.50 -23.21 -1.51
N ASN D 29 -12.58 -23.37 -0.19
CA ASN D 29 -11.47 -23.09 0.73
C ASN D 29 -11.09 -21.61 0.86
N GLY D 30 -12.03 -20.75 0.46
CA GLY D 30 -11.86 -19.30 0.56
C GLY D 30 -10.78 -18.75 -0.34
N GLY D 31 -10.22 -17.61 0.09
CA GLY D 31 -9.21 -16.93 -0.69
C GLY D 31 -8.62 -15.77 0.08
N THR D 32 -7.68 -15.08 -0.55
CA THR D 32 -7.03 -13.90 0.04
C THR D 32 -6.86 -12.80 -1.01
N TRP D 33 -6.69 -11.57 -0.53
CA TRP D 33 -6.25 -10.47 -1.40
C TRP D 33 -4.82 -10.06 -1.05
N ASP D 34 -3.98 -9.85 -2.07
CA ASP D 34 -2.64 -9.29 -1.89
C ASP D 34 -2.40 -8.11 -2.83
N GLU D 35 -1.58 -7.16 -2.37
CA GLU D 35 -1.08 -6.10 -3.23
C GLU D 35 0.27 -6.57 -3.78
N VAL D 36 0.36 -6.70 -5.10
CA VAL D 36 1.55 -7.24 -5.73
C VAL D 36 1.99 -6.38 -6.90
N ARG D 37 3.14 -5.70 -6.73
CA ARG D 37 3.70 -4.83 -7.76
C ARG D 37 2.67 -3.85 -8.29
N GLY D 38 1.91 -3.24 -7.37
CA GLY D 38 0.89 -2.27 -7.71
C GLY D 38 -0.40 -2.83 -8.28
N GLU D 39 -0.59 -4.15 -8.15
CA GLU D 39 -1.80 -4.82 -8.64
C GLU D 39 -2.54 -5.52 -7.50
N TYR D 40 -3.83 -5.73 -7.67
CA TYR D 40 -4.63 -6.49 -6.73
C TYR D 40 -4.67 -7.94 -7.20
N VAL D 41 -4.17 -8.84 -6.36
CA VAL D 41 -4.14 -10.27 -6.65
C VAL D 41 -5.09 -11.03 -5.71
N LEU D 42 -6.10 -11.66 -6.31
CA LEU D 42 -7.02 -12.52 -5.60
C LEU D 42 -6.56 -13.97 -5.74
N THR D 43 -6.32 -14.64 -4.61
CA THR D 43 -5.95 -16.05 -4.62
C THR D 43 -7.10 -16.85 -4.06
N MET D 44 -7.42 -17.96 -4.71
CA MET D 44 -8.54 -18.80 -4.31
C MET D 44 -8.15 -20.26 -4.32
N GLY D 45 -8.65 -21.01 -3.34
CA GLY D 45 -8.28 -22.41 -3.15
C GLY D 45 -8.71 -23.34 -4.27
N GLY D 46 -9.74 -22.94 -5.00
CA GLY D 46 -10.24 -23.71 -6.13
C GLY D 46 -11.35 -22.96 -6.86
N SER D 47 -11.95 -23.65 -7.83
CA SER D 47 -13.08 -23.13 -8.58
C SER D 47 -14.35 -23.09 -7.73
N GLY D 48 -15.09 -21.98 -7.83
CA GLY D 48 -16.40 -21.89 -7.21
C GLY D 48 -16.52 -20.83 -6.15
N THR D 49 -15.53 -19.94 -6.08
CA THR D 49 -15.60 -18.82 -5.15
C THR D 49 -15.22 -17.51 -5.83
N SER D 50 -15.02 -16.46 -5.03
CA SER D 50 -14.83 -15.13 -5.57
C SER D 50 -14.34 -14.13 -4.53
N GLY D 51 -13.99 -12.94 -5.00
CA GLY D 51 -13.68 -11.81 -4.14
C GLY D 51 -14.14 -10.52 -4.77
N SER D 52 -14.44 -9.53 -3.93
CA SER D 52 -14.96 -8.25 -4.40
C SER D 52 -14.07 -7.09 -3.95
N LEU D 53 -13.95 -6.08 -4.80
CA LEU D 53 -13.36 -4.80 -4.41
C LEU D 53 -14.40 -3.67 -4.54
N ARG D 54 -14.38 -2.76 -3.58
CA ARG D 54 -15.26 -1.60 -3.61
C ARG D 54 -14.39 -0.37 -3.74
N PHE D 55 -14.82 0.55 -4.60
CA PHE D 55 -14.12 1.83 -4.76
C PHE D 55 -15.11 2.96 -4.56
N VAL D 56 -14.65 4.02 -3.90
CA VAL D 56 -15.53 5.15 -3.61
C VAL D 56 -14.88 6.45 -4.07
N SER D 57 -15.66 7.27 -4.75
CA SER D 57 -15.25 8.63 -5.06
C SER D 57 -16.11 9.60 -4.26
N SER D 58 -15.57 10.05 -3.13
CA SER D 58 -16.29 10.93 -2.19
C SER D 58 -16.59 12.32 -2.78
N ASP D 59 -15.71 12.79 -3.66
CA ASP D 59 -15.86 14.09 -4.31
C ASP D 59 -17.13 14.20 -5.16
N THR D 60 -17.54 13.08 -5.78
CA THR D 60 -18.68 13.08 -6.70
C THR D 60 -19.83 12.17 -6.25
N ASP D 61 -19.75 11.64 -5.03
CA ASP D 61 -20.77 10.73 -4.50
C ASP D 61 -20.99 9.52 -5.42
N GLU D 62 -19.88 8.90 -5.85
CA GLU D 62 -19.94 7.73 -6.70
C GLU D 62 -19.22 6.57 -6.02
N SER D 63 -19.60 5.35 -6.39
CA SER D 63 -18.99 4.15 -5.86
C SER D 63 -19.38 2.97 -6.72
N PHE D 64 -18.66 1.87 -6.56
CA PHE D 64 -19.01 0.60 -7.22
C PHE D 64 -18.34 -0.57 -6.53
N VAL D 65 -18.86 -1.77 -6.80
CA VAL D 65 -18.23 -3.00 -6.36
C VAL D 65 -17.93 -3.86 -7.59
N ALA D 66 -16.67 -4.28 -7.68
CA ALA D 66 -16.22 -5.17 -8.74
C ALA D 66 -15.88 -6.52 -8.14
N THR D 67 -16.46 -7.57 -8.71
CA THR D 67 -16.30 -8.92 -8.20
C THR D 67 -15.69 -9.82 -9.27
N PHE D 68 -14.76 -10.66 -8.84
CA PHE D 68 -14.04 -11.59 -9.71
C PHE D 68 -14.05 -12.96 -9.07
N GLY D 69 -14.15 -14.00 -9.88
CA GLY D 69 -14.09 -15.36 -9.35
C GLY D 69 -13.95 -16.39 -10.44
N VAL D 70 -14.09 -17.65 -10.05
CA VAL D 70 -14.11 -18.76 -11.00
C VAL D 70 -15.35 -19.60 -10.76
N HIS D 71 -16.13 -19.81 -11.83
CA HIS D 71 -17.34 -20.61 -11.76
C HIS D 71 -17.25 -21.77 -12.75
N ASN D 72 -17.39 -22.99 -12.24
CA ASN D 72 -17.22 -24.22 -13.03
C ASN D 72 -16.00 -24.14 -13.97
N TYR D 73 -14.84 -23.79 -13.41
CA TYR D 73 -13.53 -23.81 -14.09
C TYR D 73 -13.36 -22.77 -15.20
N LYS D 74 -14.24 -21.75 -15.21
CA LYS D 74 -14.09 -20.59 -16.08
C LYS D 74 -14.24 -19.31 -15.27
N ARG D 75 -13.46 -18.29 -15.60
CA ARG D 75 -13.49 -17.00 -14.90
C ARG D 75 -14.80 -16.26 -15.12
N TRP D 76 -15.20 -15.48 -14.12
CA TRP D 76 -16.34 -14.59 -14.26
C TRP D 76 -16.05 -13.26 -13.60
N CYS D 77 -16.87 -12.27 -13.91
CA CYS D 77 -16.73 -10.94 -13.34
C CYS D 77 -18.05 -10.20 -13.38
N ASP D 78 -18.21 -9.24 -12.48
CA ASP D 78 -19.41 -8.41 -12.45
C ASP D 78 -19.11 -7.08 -11.76
N ILE D 79 -19.90 -6.07 -12.12
CA ILE D 79 -19.85 -4.76 -11.49
C ILE D 79 -21.25 -4.40 -11.07
N VAL D 80 -21.37 -3.91 -9.84
CA VAL D 80 -22.62 -3.37 -9.32
C VAL D 80 -22.32 -1.96 -8.90
N THR D 81 -23.24 -1.04 -9.20
CA THR D 81 -23.08 0.36 -8.85
C THR D 81 -24.44 0.97 -8.48
N ASN D 82 -24.54 2.30 -8.37
CA ASN D 82 -25.74 2.96 -7.82
C ASN D 82 -26.06 2.45 -6.42
N LEU D 83 -25.01 2.18 -5.64
CA LEU D 83 -25.16 1.51 -4.35
C LEU D 83 -25.93 2.30 -3.31
N THR D 84 -26.65 1.59 -2.44
CA THR D 84 -27.19 2.19 -1.23
C THR D 84 -26.07 2.23 -0.18
N ASN D 85 -26.29 2.91 0.93
CA ASN D 85 -25.26 2.96 1.98
C ASN D 85 -25.09 1.62 2.71
N GLU D 86 -26.05 0.72 2.53
CA GLU D 86 -26.02 -0.60 3.17
C GLU D 86 -25.29 -1.64 2.31
N GLN D 87 -25.04 -1.30 1.04
CA GLN D 87 -24.38 -2.24 0.12
C GLN D 87 -22.85 -2.11 0.12
N THR D 88 -22.23 -2.64 1.19
CA THR D 88 -20.77 -2.78 1.23
C THR D 88 -20.35 -3.99 0.37
N ALA D 89 -19.05 -4.16 0.16
CA ALA D 89 -18.56 -5.31 -0.59
C ALA D 89 -18.87 -6.63 0.14
N LEU D 90 -18.92 -6.58 1.46
CA LEU D 90 -19.35 -7.72 2.28
C LEU D 90 -20.73 -8.23 1.86
N VAL D 91 -21.67 -7.30 1.70
CA VAL D 91 -23.05 -7.64 1.34
C VAL D 91 -23.11 -8.14 -0.10
N ILE D 92 -22.53 -7.36 -1.02
CA ILE D 92 -22.60 -7.65 -2.45
C ILE D 92 -21.95 -8.98 -2.84
N ASN D 93 -20.73 -9.22 -2.34
CA ASN D 93 -19.99 -10.46 -2.60
C ASN D 93 -20.86 -11.70 -2.34
N GLN D 94 -21.61 -11.70 -1.25
CA GLN D 94 -22.34 -12.91 -0.91
C GLN D 94 -23.71 -13.05 -1.60
N GLU D 95 -24.18 -11.98 -2.22
CA GLU D 95 -25.41 -12.01 -3.02
C GLU D 95 -25.24 -12.82 -4.31
N TYR D 96 -24.00 -13.06 -4.71
CA TYR D 96 -23.69 -13.90 -5.87
C TYR D 96 -23.88 -15.39 -5.59
N TYR D 97 -24.37 -15.72 -4.40
CA TYR D 97 -24.60 -17.11 -4.01
C TYR D 97 -25.97 -17.24 -3.35
N GLY D 98 -26.99 -16.77 -4.06
CA GLY D 98 -28.36 -16.74 -3.55
C GLY D 98 -29.33 -15.87 -4.32
N VAL D 99 -28.89 -14.68 -4.75
CA VAL D 99 -29.73 -13.75 -5.49
C VAL D 99 -29.67 -14.05 -7.00
N PRO D 100 -30.83 -14.38 -7.60
CA PRO D 100 -30.91 -14.86 -8.99
C PRO D 100 -30.18 -14.00 -10.03
N ILE D 101 -30.47 -12.69 -10.10
CA ILE D 101 -29.81 -11.84 -11.09
C ILE D 101 -28.28 -11.79 -10.89
N ARG D 102 -27.83 -11.87 -9.63
CA ARG D 102 -26.39 -11.92 -9.35
C ARG D 102 -25.82 -13.29 -9.72
N ASP D 103 -26.54 -14.35 -9.35
CA ASP D 103 -26.17 -15.73 -9.69
C ASP D 103 -25.95 -15.88 -11.19
N GLN D 104 -26.86 -15.28 -11.96
CA GLN D 104 -26.80 -15.30 -13.42
C GLN D 104 -25.56 -14.59 -13.95
N ALA D 105 -25.25 -13.41 -13.41
CA ALA D 105 -24.07 -12.67 -13.83
C ALA D 105 -22.83 -13.55 -13.70
N ARG D 106 -22.78 -14.33 -12.61
CA ARG D 106 -21.70 -15.28 -12.35
C ARG D 106 -21.75 -16.51 -13.29
N GLU D 107 -22.96 -17.03 -13.52
CA GLU D 107 -23.16 -18.17 -14.41
C GLU D 107 -22.77 -17.85 -15.86
N ASN D 108 -22.78 -16.56 -16.21
CA ASN D 108 -22.37 -16.08 -17.52
C ASN D 108 -20.89 -16.28 -17.84
N GLN D 109 -20.04 -16.38 -16.82
CA GLN D 109 -18.61 -16.67 -16.98
C GLN D 109 -17.96 -15.73 -18.01
N LEU D 110 -18.20 -14.44 -17.81
CA LEU D 110 -17.80 -13.43 -18.79
C LEU D 110 -16.31 -13.11 -18.77
N THR D 111 -15.73 -12.89 -19.96
CA THR D 111 -14.33 -12.45 -20.08
C THR D 111 -14.22 -10.93 -20.10
N SER D 112 -15.37 -10.27 -20.25
CA SER D 112 -15.45 -8.81 -20.17
C SER D 112 -16.87 -8.39 -19.81
N TYR D 113 -16.97 -7.33 -19.01
CA TYR D 113 -18.25 -6.77 -18.61
C TYR D 113 -18.10 -5.27 -18.37
N ASN D 114 -19.10 -4.52 -18.79
CA ASN D 114 -19.16 -3.09 -18.51
C ASN D 114 -20.58 -2.64 -18.16
N VAL D 115 -20.66 -1.65 -17.27
CA VAL D 115 -21.93 -1.04 -16.90
C VAL D 115 -21.70 0.42 -16.50
N ALA D 116 -22.76 1.23 -16.56
CA ALA D 116 -22.70 2.64 -16.19
C ALA D 116 -23.53 2.92 -14.94
N ASN D 117 -23.13 3.92 -14.14
CA ASN D 117 -23.97 4.39 -13.05
C ASN D 117 -24.99 5.40 -13.56
N ALA D 118 -25.88 5.84 -12.67
CA ALA D 118 -26.92 6.81 -13.01
C ALA D 118 -26.35 8.12 -13.56
N LYS D 119 -25.09 8.42 -13.25
CA LYS D 119 -24.44 9.65 -13.74
C LYS D 119 -23.81 9.50 -15.13
N GLY D 120 -23.81 8.28 -15.68
CA GLY D 120 -23.30 8.05 -17.02
C GLY D 120 -21.85 7.59 -17.11
N ARG D 121 -21.19 7.44 -15.95
CA ARG D 121 -19.82 6.97 -15.91
C ARG D 121 -19.75 5.45 -16.11
N ARG D 122 -18.98 5.02 -17.11
CA ARG D 122 -18.80 3.59 -17.41
C ARG D 122 -17.71 2.96 -16.53
N PHE D 123 -17.98 1.74 -16.06
CA PHE D 123 -16.97 0.91 -15.40
C PHE D 123 -16.85 -0.39 -16.18
N ALA D 124 -15.64 -0.94 -16.25
CA ALA D 124 -15.39 -2.12 -17.07
C ALA D 124 -14.36 -3.08 -16.49
N ILE D 125 -14.61 -4.38 -16.68
CA ILE D 125 -13.64 -5.43 -16.42
C ILE D 125 -13.30 -6.15 -17.73
N GLU D 126 -12.01 -6.38 -17.95
CA GLU D 126 -11.53 -6.93 -19.21
C GLU D 126 -10.39 -7.90 -18.88
N TYR D 127 -10.69 -9.19 -18.97
CA TYR D 127 -9.69 -10.21 -18.78
C TYR D 127 -8.76 -10.19 -19.98
N THR D 128 -7.46 -10.13 -19.71
CA THR D 128 -6.43 -10.17 -20.77
C THR D 128 -5.85 -11.58 -20.90
N VAL D 129 -5.91 -12.35 -19.83
CA VAL D 129 -5.61 -13.80 -19.85
C VAL D 129 -6.86 -14.50 -19.34
N THR D 130 -7.43 -15.38 -20.15
CA THR D 130 -8.78 -15.90 -19.90
C THR D 130 -8.82 -17.38 -19.54
N GLU D 131 -7.66 -18.05 -19.65
CA GLU D 131 -7.57 -19.49 -19.49
C GLU D 131 -6.47 -19.87 -18.50
N GLY D 132 -6.62 -21.02 -17.84
CA GLY D 132 -5.62 -21.50 -16.90
C GLY D 132 -5.78 -20.98 -15.48
N ASP D 133 -4.79 -21.30 -14.63
CA ASP D 133 -4.87 -21.07 -13.20
C ASP D 133 -4.60 -19.63 -12.78
N ASN D 134 -3.83 -18.93 -13.61
CA ASN D 134 -3.33 -17.60 -13.28
C ASN D 134 -3.89 -16.54 -14.25
N LEU D 135 -5.05 -16.01 -13.89
CA LEU D 135 -5.82 -15.12 -14.76
C LEU D 135 -5.42 -13.66 -14.53
N LYS D 136 -5.61 -12.84 -15.57
CA LYS D 136 -5.21 -11.43 -15.52
C LYS D 136 -6.34 -10.57 -16.04
N ALA D 137 -6.58 -9.44 -15.38
CA ALA D 137 -7.69 -8.56 -15.76
C ALA D 137 -7.40 -7.08 -15.57
N ASN D 138 -7.98 -6.27 -16.45
CA ASN D 138 -7.97 -4.82 -16.31
C ASN D 138 -9.30 -4.37 -15.68
N LEU D 139 -9.21 -3.51 -14.67
CA LEU D 139 -10.39 -2.83 -14.15
C LEU D 139 -10.33 -1.38 -14.59
N ILE D 140 -11.23 -1.00 -15.48
CA ILE D 140 -11.20 0.33 -16.07
C ILE D 140 -12.35 1.20 -15.54
N ILE D 141 -11.97 2.27 -14.86
CA ILE D 141 -12.92 3.26 -14.36
C ILE D 141 -12.96 4.45 -15.34
N GLY D 142 -14.15 4.67 -15.92
CA GLY D 142 -14.32 5.69 -16.96
C GLY D 142 -14.58 7.09 -16.44
C1 NGA E . 31.72 -3.54 -6.51
C2 NGA E . 30.78 -3.60 -7.72
C3 NGA E . 30.46 -2.28 -8.42
C4 NGA E . 30.77 -0.99 -7.65
C5 NGA E . 31.71 -1.03 -6.45
C6 NGA E . 31.31 -0.09 -5.33
C7 NGA E . 30.28 -5.88 -8.36
C8 NGA E . 30.56 -7.02 -9.29
N2 NGA E . 30.97 -4.77 -8.57
O3 NGA E . 29.21 -2.22 -9.12
O4 NGA E . 29.52 -0.76 -7.00
O5 NGA E . 32.02 -2.29 -5.89
O6 NGA E . 31.94 1.15 -5.59
O7 NGA E . 29.45 -5.97 -7.44
C1 GAL E . 29.43 -1.83 -10.50
C2 GAL E . 28.25 -2.33 -11.34
C3 GAL E . 28.39 -1.89 -12.79
C4 GAL E . 28.65 -0.39 -12.87
C5 GAL E . 29.83 0.00 -11.97
C6 GAL E . 30.04 1.51 -12.00
O2 GAL E . 28.15 -3.73 -11.27
O3 GAL E . 27.22 -2.17 -13.52
O4 GAL E . 27.47 0.31 -12.50
O5 GAL E . 29.61 -0.43 -10.64
O6 GAL E . 31.24 1.82 -11.32
C1 NGA F . 15.19 28.73 -3.46
C2 NGA F . 15.00 28.18 -2.05
C3 NGA F . 16.04 27.22 -1.47
C4 NGA F . 16.95 26.51 -2.48
C5 NGA F . 17.10 27.11 -3.87
C6 NGA F . 17.44 26.14 -4.99
C7 NGA F . 13.18 29.16 -0.86
C8 NGA F . 12.73 30.15 0.18
N2 NGA F . 14.49 29.15 -1.08
O3 NGA F . 15.57 26.45 -0.39
O4 NGA F . 16.21 25.31 -2.68
O5 NGA F . 16.14 28.08 -4.32
O6 NGA F . 18.83 25.90 -4.89
O7 NGA F . 12.39 28.43 -1.46
C1 GAL F . 16.44 26.60 0.76
C2 GAL F . 15.67 26.14 2.01
C3 GAL F . 16.55 26.31 3.25
C4 GAL F . 17.91 25.65 3.06
C5 GAL F . 18.57 26.15 1.77
C6 GAL F . 19.91 25.45 1.55
O2 GAL F . 14.48 26.87 2.14
O3 GAL F . 15.90 25.73 4.37
O4 GAL F . 17.77 24.24 2.99
O5 GAL F . 17.69 25.93 0.67
O6 GAL F . 20.55 26.04 0.44
C1 NGA G . -26.81 -1.35 19.01
C2 NGA G . -26.76 -0.38 17.83
C3 NGA G . -27.17 -0.89 16.44
C4 NGA G . -27.22 -2.39 16.24
C5 NGA G . -27.25 -3.31 17.47
C6 NGA G . -26.52 -4.64 17.27
C7 NGA G . -26.34 1.91 18.39
C8 NGA G . -26.90 3.29 18.53
N2 NGA G . -27.25 0.96 18.11
O3 NGA G . -26.63 -0.21 15.33
O4 NGA G . -25.96 -2.61 15.64
O5 NGA G . -26.94 -2.76 18.76
O6 NGA G . -27.31 -5.45 16.42
O7 NGA G . -25.14 1.65 18.53
C1 GAL G . -27.73 0.28 14.53
C2 GAL G . -27.33 1.53 13.73
C3 GAL G . -28.50 1.99 12.84
C4 GAL G . -29.05 0.84 11.99
C5 GAL G . -29.36 -0.36 12.87
C6 GAL G . -29.77 -1.55 12.00
O2 GAL G . -26.98 2.59 14.58
O3 GAL G . -28.08 3.05 12.02
O4 GAL G . -28.14 0.48 10.95
O5 GAL G . -28.22 -0.71 13.65
O6 GAL G . -30.56 -2.42 12.77
C1 NGA H . -20.60 -24.09 -8.87
C2 NGA H . -19.38 -24.36 -7.98
C3 NGA H . -19.49 -24.09 -6.47
C4 NGA H . -20.62 -23.15 -6.01
C5 NGA H . -21.81 -22.90 -6.96
C6 NGA H . -22.52 -21.56 -6.81
C7 NGA H . -17.40 -25.25 -9.08
C8 NGA H . -16.59 -26.49 -9.30
N2 NGA H . -18.54 -25.44 -8.39
O3 NGA H . -18.26 -24.01 -5.74
O4 NGA H . -19.94 -21.89 -5.95
O5 NGA H . -21.68 -23.30 -8.34
O6 NGA H . -23.39 -21.71 -5.70
O7 NGA H . -17.03 -24.15 -9.49
C1 GAL H . -18.22 -25.03 -4.70
C2 GAL H . -16.77 -25.24 -4.24
C3 GAL H . -16.69 -26.33 -3.16
C4 GAL H . -17.68 -26.03 -2.02
C5 GAL H . -19.08 -25.74 -2.58
C6 GAL H . -20.04 -25.33 -1.47
O2 GAL H . -15.95 -25.62 -5.32
O3 GAL H . -15.39 -26.44 -2.65
O4 GAL H . -17.21 -24.92 -1.29
O5 GAL H . -19.05 -24.74 -3.59
O6 GAL H . -21.35 -25.69 -1.83
C1 NAG I . 27.16 5.11 11.43
C2 NAG I . 26.01 4.23 11.94
C3 NAG I . 26.36 2.76 11.77
C4 NAG I . 26.79 2.46 10.34
C5 NAG I . 27.93 3.40 9.93
C6 NAG I . 28.38 3.16 8.48
C7 NAG I . 24.63 5.10 13.78
C8 NAG I . 24.52 5.30 15.26
N2 NAG I . 25.74 4.50 13.34
O1 NAG I . 28.28 4.91 12.27
O3 NAG I . 25.24 1.98 12.10
O4 NAG I . 27.20 1.12 10.21
O5 NAG I . 27.51 4.75 10.10
O6 NAG I . 27.38 3.61 7.57
O7 NAG I . 23.73 5.49 13.04
N SER J . 35.56 -2.51 -8.81
CA SER J . 35.15 -3.78 -8.13
C SER J . 34.37 -4.76 -9.03
O SER J . 33.70 -4.36 -10.02
CB SER J . 34.36 -3.47 -6.85
OG SER J . 32.95 -3.47 -7.07
OXT SER J . 34.40 -5.98 -8.78
C1 NAG K . 14.35 16.79 -19.97
C2 NAG K . 12.88 16.39 -20.02
C3 NAG K . 11.91 17.54 -19.77
C4 NAG K . 12.33 18.32 -18.53
C5 NAG K . 13.79 18.75 -18.66
C6 NAG K . 14.26 19.48 -17.40
C7 NAG K . 11.97 14.59 -21.38
C8 NAG K . 11.42 14.22 -22.73
N2 NAG K . 12.55 15.79 -21.31
O1 NAG K . 14.74 17.47 -21.14
O3 NAG K . 10.61 17.06 -19.59
O4 NAG K . 11.46 19.42 -18.37
O5 NAG K . 14.63 17.61 -18.84
O6 NAG K . 14.40 18.56 -16.33
O7 NAG K . 11.88 13.82 -20.42
N SER L . 17.91 32.80 -4.23
CA SER L . 17.51 31.70 -3.32
C SER L . 18.73 30.83 -2.99
O SER L . 19.48 30.43 -3.88
CB SER L . 16.39 30.87 -3.97
OG SER L . 15.99 29.76 -3.17
OXT SER L . 18.99 30.51 -1.82
C1 NAG M . -13.89 -17.00 19.30
C2 NAG M . -12.53 -16.57 19.89
C3 NAG M . -12.63 -15.49 20.96
C4 NAG M . -13.77 -14.55 20.64
C5 NAG M . -15.09 -15.33 20.71
C6 NAG M . -16.31 -14.53 20.25
C7 NAG M . -10.51 -17.87 19.69
C8 NAG M . -9.51 -18.80 20.32
N2 NAG M . -11.68 -17.68 20.31
O1 NAG M . -13.93 -18.40 19.12
O3 NAG M . -11.41 -14.80 21.01
O4 NAG M . -13.82 -13.53 21.60
O5 NAG M . -15.04 -16.59 20.04
O6 NAG M . -16.23 -14.18 18.88
O7 NAG M . -10.23 -17.35 18.61
N SER N . -29.96 -2.35 22.03
CA SER N . -30.23 -1.67 20.72
C SER N . -30.66 -2.65 19.62
O SER N . -30.34 -3.84 19.63
CB SER N . -29.00 -0.83 20.28
OG SER N . -28.06 -1.54 19.49
OXT SER N . -31.36 -2.28 18.68
C1 NAG O . -27.31 -4.99 -11.37
C2 NAG O . -26.09 -4.26 -11.94
C3 NAG O . -25.46 -5.07 -13.06
C4 NAG O . -25.17 -6.51 -12.60
C5 NAG O . -26.43 -7.15 -12.00
C6 NAG O . -26.15 -8.54 -11.44
C7 NAG O . -25.92 -1.80 -11.97
C8 NAG O . -26.24 -0.56 -12.75
N2 NAG O . -26.47 -2.94 -12.41
O1 NAG O . -28.35 -5.04 -12.34
O3 NAG O . -24.25 -4.44 -13.46
O4 NAG O . -24.68 -7.31 -13.66
O5 NAG O . -26.95 -6.32 -10.97
O6 NAG O . -25.45 -8.44 -10.21
O7 NAG O . -25.19 -1.74 -11.00
N SER P . -24.29 -25.33 -7.55
CA SER P . -23.70 -26.15 -8.66
C SER P . -22.97 -27.38 -8.14
O SER P . -23.13 -27.73 -6.95
CB SER P . -22.74 -25.31 -9.53
OG SER P . -21.47 -25.13 -8.90
OXT SER P . -22.21 -27.99 -8.90
#